data_1ERQ
#
_entry.id   1ERQ
#
_cell.length_a   63.222
_cell.length_b   89.039
_cell.length_c   42.088
_cell.angle_alpha   90.00
_cell.angle_beta   90.00
_cell.angle_gamma   90.00
#
_symmetry.space_group_name_H-M   'P 21 21 21'
#
loop_
_entity.id
_entity.type
_entity.pdbx_description
1 polymer 'TEM-1 BETA-LACTAMASE'
2 non-polymer '1(R)-1-ACETAMIDO-2-(3-CARBOXY-2-HYDROXYPHENYL)ETHYL BORONIC ACID'
3 water water
#
_entity_poly.entity_id   1
_entity_poly.type   'polypeptide(L)'
_entity_poly.pdbx_seq_one_letter_code
;HPETLVKVKDAEDQLGARVGYIELDLNSGKILESFRPEERFPMMSTFKVLLCGAVLSRVDAGQEQLGRRIHYSQNDLVEY
SPVTEKHLTDGMTVRELCSAAITMSDNTAANLLLTTIGGPKELTAFLHNMGDHVTRLDRWEPELNEAIPNDERDTTMPAA
MATTLRKLLTGELLTLASRQQLIDWMEADKVAGPLLRSALPAGWFIADKSGAGERGSRGIIAALGPDGKPSRIVVIYTTG
SQATMDERNRQIAEIGASLIKHW
;
_entity_poly.pdbx_strand_id   A
#
# COMPACT_ATOMS: atom_id res chain seq x y z
N HIS A 1 -8.40 -2.59 20.37
CA HIS A 1 -8.65 -3.55 21.43
C HIS A 1 -7.40 -4.33 21.81
N PRO A 2 -7.11 -4.34 23.10
CA PRO A 2 -5.97 -5.04 23.64
C PRO A 2 -5.91 -6.49 23.22
N GLU A 3 -7.05 -7.12 22.99
CA GLU A 3 -7.02 -8.49 22.59
C GLU A 3 -6.35 -8.66 21.23
N THR A 4 -6.47 -7.62 20.39
CA THR A 4 -5.84 -7.67 19.08
C THR A 4 -4.34 -7.60 19.26
N LEU A 5 -3.90 -6.80 20.25
CA LEU A 5 -2.50 -6.70 20.51
C LEU A 5 -1.95 -8.06 20.90
N VAL A 6 -2.81 -8.85 21.53
CA VAL A 6 -2.41 -10.20 21.89
C VAL A 6 -2.09 -11.05 20.65
N LYS A 7 -2.94 -10.95 19.63
CA LYS A 7 -2.71 -11.67 18.38
C LYS A 7 -1.45 -11.22 17.67
N VAL A 8 -1.23 -9.89 17.67
CA VAL A 8 -0.07 -9.32 17.05
C VAL A 8 1.18 -9.90 17.69
N LYS A 9 1.24 -9.86 19.03
CA LYS A 9 2.39 -10.45 19.72
C LYS A 9 2.47 -11.92 19.38
N ASP A 10 1.32 -12.59 19.32
CA ASP A 10 1.34 -13.99 18.97
C ASP A 10 1.97 -14.16 17.59
N ALA A 11 1.60 -13.25 16.65
CA ALA A 11 2.17 -13.29 15.31
C ALA A 11 3.69 -13.17 15.29
N GLU A 12 4.23 -12.19 16.07
CA GLU A 12 5.67 -12.01 16.17
C GLU A 12 6.33 -13.31 16.63
N ASP A 13 5.69 -13.98 17.61
CA ASP A 13 6.20 -15.23 18.14
C ASP A 13 6.19 -16.31 17.07
N GLN A 14 5.08 -16.40 16.34
CA GLN A 14 4.88 -17.37 15.27
C GLN A 14 5.83 -17.15 14.12
N LEU A 15 6.02 -15.90 13.74
CA LEU A 15 6.88 -15.62 12.62
C LEU A 15 8.34 -15.42 12.98
N GLY A 16 8.60 -15.19 14.26
CA GLY A 16 9.94 -14.91 14.74
C GLY A 16 10.46 -13.63 14.08
N ALA A 17 9.56 -12.65 13.94
CA ALA A 17 9.89 -11.39 13.30
C ALA A 17 9.10 -10.24 13.90
N ARG A 18 9.53 -9.01 13.62
CA ARG A 18 8.81 -7.85 14.10
C ARG A 18 7.57 -7.65 13.25
N VAL A 19 6.54 -7.18 13.94
CA VAL A 19 5.27 -6.82 13.35
C VAL A 19 4.94 -5.39 13.78
N GLY A 20 4.59 -4.58 12.80
CA GLY A 20 4.20 -3.21 13.05
C GLY A 20 2.71 -3.12 12.76
N TYR A 21 1.96 -2.53 13.68
CA TYR A 21 0.53 -2.47 13.53
C TYR A 21 -0.07 -1.15 13.98
N ILE A 22 -1.12 -0.75 13.28
CA ILE A 22 -1.83 0.45 13.63
C ILE A 22 -3.28 0.45 13.14
N GLU A 23 -4.13 0.98 14.02
CA GLU A 23 -5.56 1.11 13.81
C GLU A 23 -5.87 2.56 13.99
N LEU A 24 -6.39 3.15 12.93
CA LEU A 24 -6.67 4.55 12.93
C LEU A 24 -8.11 4.87 12.58
N ASP A 25 -8.66 5.81 13.35
CA ASP A 25 -10.03 6.24 13.11
C ASP A 25 -10.04 7.13 11.87
N LEU A 26 -10.78 6.73 10.85
CA LEU A 26 -10.84 7.50 9.63
C LEU A 26 -11.24 8.96 9.78
N ASN A 27 -12.33 9.18 10.48
CA ASN A 27 -12.86 10.52 10.68
C ASN A 27 -12.03 11.47 11.50
N SER A 28 -11.67 11.05 12.70
CA SER A 28 -10.93 11.87 13.63
C SER A 28 -9.43 11.75 13.54
N GLY A 29 -8.93 10.66 13.00
CA GLY A 29 -7.49 10.47 12.91
C GLY A 29 -6.91 10.03 14.25
N LYS A 30 -7.77 9.58 15.15
CA LYS A 30 -7.31 9.13 16.44
C LYS A 30 -6.72 7.74 16.35
N ILE A 31 -5.58 7.50 17.04
CA ILE A 31 -4.97 6.17 17.05
C ILE A 31 -5.75 5.30 18.02
N LEU A 32 -6.35 4.25 17.48
CA LEU A 32 -7.13 3.35 18.30
C LEU A 32 -6.31 2.24 18.90
N GLU A 33 -5.25 1.86 18.21
CA GLU A 33 -4.44 0.76 18.68
C GLU A 33 -3.13 0.79 17.93
N SER A 34 -2.05 0.45 18.62
CA SER A 34 -0.75 0.47 17.97
C SER A 34 0.22 -0.53 18.56
N PHE A 35 1.14 -0.94 17.72
CA PHE A 35 2.17 -1.89 18.07
C PHE A 35 3.36 -1.55 17.16
N ARG A 36 4.43 -1.06 17.77
CA ARG A 36 5.64 -0.59 17.07
C ARG A 36 5.27 0.42 15.98
N PRO A 37 4.40 1.37 16.32
CA PRO A 37 3.93 2.38 15.39
C PRO A 37 5.03 3.25 14.80
N GLU A 38 6.12 3.42 15.53
CA GLU A 38 7.19 4.29 15.10
C GLU A 38 8.49 3.61 14.72
N GLU A 39 8.42 2.35 14.32
CA GLU A 39 9.58 1.65 13.86
C GLU A 39 9.48 1.66 12.34
N ARG A 40 10.61 1.62 11.64
CA ARG A 40 10.56 1.63 10.18
C ARG A 40 10.40 0.23 9.60
N PHE A 41 9.61 0.14 8.54
CA PHE A 41 9.38 -1.11 7.83
C PHE A 41 9.46 -0.81 6.32
N PRO A 42 9.92 -1.77 5.53
CA PRO A 42 9.95 -1.54 4.11
C PRO A 42 8.53 -1.53 3.60
N MET A 43 8.22 -0.55 2.78
CA MET A 43 6.90 -0.41 2.21
C MET A 43 6.54 -1.45 1.18
N MET A 44 7.53 -1.92 0.42
CA MET A 44 7.21 -2.85 -0.64
C MET A 44 6.17 -2.21 -1.59
N SER A 45 5.32 -3.03 -2.23
CA SER A 45 4.29 -2.56 -3.17
C SER A 45 3.19 -1.68 -2.56
N THR A 46 3.20 -1.52 -1.25
CA THR A 46 2.19 -0.67 -0.65
C THR A 46 2.38 0.77 -1.14
N PHE A 47 3.61 1.12 -1.53
CA PHE A 47 3.90 2.46 -2.01
C PHE A 47 3.14 2.84 -3.26
N LYS A 48 2.64 1.84 -3.98
CA LYS A 48 1.93 2.04 -5.25
C LYS A 48 0.71 2.93 -5.08
N VAL A 49 0.14 2.89 -3.88
CA VAL A 49 -0.98 3.73 -3.63
C VAL A 49 -0.53 5.18 -3.55
N LEU A 50 0.60 5.38 -2.93
CA LEU A 50 1.09 6.72 -2.80
C LEU A 50 1.47 7.27 -4.16
N LEU A 51 2.03 6.39 -5.00
CA LEU A 51 2.45 6.75 -6.34
C LEU A 51 1.26 7.26 -7.17
N CYS A 52 0.18 6.47 -7.23
CA CYS A 52 -1.00 6.87 -7.99
C CYS A 52 -1.67 8.15 -7.44
N GLY A 53 -1.43 8.38 -6.15
CA GLY A 53 -1.91 9.56 -5.47
C GLY A 53 -1.24 10.80 -6.05
N ALA A 54 0.10 10.70 -6.23
CA ALA A 54 0.90 11.74 -6.81
C ALA A 54 0.47 11.91 -8.26
N VAL A 55 0.22 10.80 -8.94
CA VAL A 55 -0.20 10.91 -10.32
C VAL A 55 -1.54 11.66 -10.41
N LEU A 56 -2.47 11.31 -9.53
CA LEU A 56 -3.76 11.95 -9.52
C LEU A 56 -3.65 13.44 -9.21
N SER A 57 -2.75 13.82 -8.32
CA SER A 57 -2.65 15.23 -8.03
C SER A 57 -2.19 15.99 -9.27
N ARG A 58 -1.35 15.35 -10.06
CA ARG A 58 -0.87 15.97 -11.28
C ARG A 58 -1.99 16.12 -12.26
N VAL A 59 -2.83 15.11 -12.33
CA VAL A 59 -3.96 15.18 -13.19
C VAL A 59 -4.86 16.36 -12.78
N ASP A 60 -5.19 16.44 -11.49
CA ASP A 60 -6.03 17.51 -11.01
C ASP A 60 -5.49 18.86 -11.42
N ALA A 61 -4.17 18.97 -11.40
CA ALA A 61 -3.50 20.22 -11.70
C ALA A 61 -3.30 20.55 -13.17
N GLY A 62 -3.87 19.72 -14.06
CA GLY A 62 -3.75 19.91 -15.50
C GLY A 62 -2.44 19.43 -16.10
N GLN A 63 -1.48 19.04 -15.25
CA GLN A 63 -0.17 18.57 -15.71
C GLN A 63 -0.16 17.15 -16.27
N GLU A 64 -1.30 16.46 -16.20
CA GLU A 64 -1.29 15.13 -16.70
C GLU A 64 -2.68 14.64 -17.06
N GLN A 65 -2.75 13.58 -17.86
CA GLN A 65 -4.04 13.06 -18.29
C GLN A 65 -4.22 11.61 -18.00
N LEU A 66 -5.41 11.25 -17.59
CA LEU A 66 -5.69 9.86 -17.34
C LEU A 66 -5.60 9.08 -18.65
N GLY A 67 -6.01 9.78 -19.72
CA GLY A 67 -6.07 9.23 -21.06
C GLY A 67 -4.75 9.16 -21.78
N ARG A 68 -3.74 9.87 -21.30
CA ARG A 68 -2.47 9.81 -21.98
C ARG A 68 -1.93 8.39 -22.11
N ARG A 69 -1.52 8.06 -23.34
CA ARG A 69 -0.99 6.75 -23.58
C ARG A 69 0.53 6.70 -23.50
N ILE A 70 1.04 5.68 -22.80
CA ILE A 70 2.46 5.49 -22.63
C ILE A 70 2.91 4.29 -23.45
N HIS A 71 3.98 4.49 -24.23
CA HIS A 71 4.52 3.43 -25.05
C HIS A 71 5.91 3.09 -24.57
N TYR A 72 6.00 1.90 -24.00
CA TYR A 72 7.19 1.33 -23.43
C TYR A 72 7.60 0.14 -24.29
N SER A 73 8.72 -0.47 -23.98
CA SER A 73 9.16 -1.61 -24.75
C SER A 73 9.58 -2.74 -23.82
N GLN A 74 9.96 -3.84 -24.44
CA GLN A 74 10.38 -5.05 -23.79
C GLN A 74 11.52 -4.82 -22.78
N ASN A 75 12.31 -3.80 -23.03
CA ASN A 75 13.44 -3.40 -22.21
C ASN A 75 13.00 -2.83 -20.86
N ASP A 76 11.78 -2.35 -20.80
CA ASP A 76 11.24 -1.79 -19.58
C ASP A 76 10.71 -2.86 -18.66
N LEU A 77 10.41 -4.02 -19.22
CA LEU A 77 9.82 -5.12 -18.50
C LEU A 77 10.64 -5.63 -17.34
N VAL A 78 10.05 -5.62 -16.13
CA VAL A 78 10.71 -6.14 -14.94
C VAL A 78 9.93 -7.33 -14.39
N GLU A 79 10.56 -8.09 -13.50
CA GLU A 79 9.89 -9.24 -12.94
C GLU A 79 8.58 -8.77 -12.35
N TYR A 80 7.54 -9.58 -12.49
CA TYR A 80 6.25 -9.20 -11.95
C TYR A 80 5.58 -8.06 -12.71
N SER A 81 5.28 -8.39 -13.95
CA SER A 81 4.65 -7.49 -14.90
C SER A 81 3.56 -8.24 -15.65
N PRO A 82 2.64 -8.78 -14.87
CA PRO A 82 1.54 -9.57 -15.38
C PRO A 82 0.69 -8.81 -16.38
N VAL A 83 0.50 -7.52 -16.17
CA VAL A 83 -0.35 -6.79 -17.05
C VAL A 83 0.41 -6.10 -18.17
N THR A 84 1.47 -5.41 -17.81
CA THR A 84 2.26 -4.64 -18.76
C THR A 84 2.80 -5.49 -19.88
N GLU A 85 3.21 -6.69 -19.51
CA GLU A 85 3.76 -7.56 -20.52
C GLU A 85 2.76 -7.95 -21.61
N LYS A 86 1.49 -7.69 -21.37
CA LYS A 86 0.47 -8.05 -22.34
C LYS A 86 0.14 -6.94 -23.31
N HIS A 87 0.59 -5.73 -23.02
CA HIS A 87 0.28 -4.60 -23.86
C HIS A 87 1.47 -3.96 -24.51
N LEU A 88 2.52 -4.74 -24.67
CA LEU A 88 3.72 -4.23 -25.28
C LEU A 88 3.49 -3.44 -26.56
N THR A 89 2.70 -3.99 -27.48
CA THR A 89 2.42 -3.36 -28.75
C THR A 89 1.66 -2.04 -28.75
N ASP A 90 0.57 -1.96 -28.00
CA ASP A 90 -0.17 -0.73 -28.02
C ASP A 90 0.11 0.24 -26.91
N GLY A 91 0.78 -0.21 -25.86
CA GLY A 91 1.00 0.72 -24.79
C GLY A 91 -0.20 0.66 -23.86
N MET A 92 -0.23 1.58 -22.91
CA MET A 92 -1.29 1.66 -21.92
C MET A 92 -1.42 3.10 -21.47
N THR A 93 -2.61 3.49 -21.04
CA THR A 93 -2.82 4.83 -20.56
C THR A 93 -2.45 4.91 -19.09
N VAL A 94 -2.29 6.15 -18.64
CA VAL A 94 -1.98 6.46 -17.26
C VAL A 94 -3.00 5.77 -16.36
N ARG A 95 -4.24 5.81 -16.80
CA ARG A 95 -5.32 5.21 -16.08
C ARG A 95 -5.09 3.73 -15.97
N GLU A 96 -4.84 3.08 -17.10
CA GLU A 96 -4.63 1.66 -16.99
C GLU A 96 -3.42 1.27 -16.17
N LEU A 97 -2.41 2.14 -16.17
CA LEU A 97 -1.17 1.86 -15.47
C LEU A 97 -1.37 1.88 -13.95
N CYS A 98 -2.14 2.85 -13.48
CA CYS A 98 -2.41 2.95 -12.08
C CYS A 98 -3.28 1.76 -11.68
N SER A 99 -4.21 1.42 -12.56
CA SER A 99 -5.06 0.29 -12.27
C SER A 99 -4.25 -0.99 -12.14
N ALA A 100 -3.27 -1.14 -13.02
CA ALA A 100 -2.47 -2.33 -12.97
C ALA A 100 -1.54 -2.35 -11.76
N ALA A 101 -0.99 -1.19 -11.42
CA ALA A 101 -0.05 -1.13 -10.32
C ALA A 101 -0.71 -1.41 -8.99
N ILE A 102 -1.96 -0.97 -8.88
CA ILE A 102 -2.76 -1.15 -7.68
C ILE A 102 -3.51 -2.46 -7.58
N THR A 103 -4.36 -2.72 -8.55
CA THR A 103 -5.12 -3.92 -8.51
C THR A 103 -4.34 -5.20 -8.73
N MET A 104 -3.18 -5.13 -9.40
CA MET A 104 -2.38 -6.31 -9.68
C MET A 104 -0.97 -6.22 -9.12
N SER A 105 -0.57 -5.05 -8.65
CA SER A 105 0.78 -4.93 -8.15
C SER A 105 1.88 -4.99 -9.25
N ASP A 106 1.50 -4.65 -10.50
CA ASP A 106 2.43 -4.63 -11.66
C ASP A 106 3.65 -3.74 -11.40
N ASN A 107 4.86 -4.37 -11.42
CA ASN A 107 6.10 -3.68 -11.18
C ASN A 107 6.48 -2.71 -12.31
N THR A 108 6.33 -3.17 -13.56
CA THR A 108 6.67 -2.29 -14.67
C THR A 108 5.79 -1.06 -14.67
N ALA A 109 4.47 -1.27 -14.50
CA ALA A 109 3.53 -0.16 -14.41
C ALA A 109 4.00 0.92 -13.44
N ALA A 110 4.58 0.52 -12.32
CA ALA A 110 5.06 1.46 -11.31
C ALA A 110 6.26 2.27 -11.76
N ASN A 111 7.25 1.57 -12.33
CA ASN A 111 8.46 2.23 -12.85
C ASN A 111 8.05 3.25 -13.93
N LEU A 112 7.11 2.88 -14.78
CA LEU A 112 6.66 3.78 -15.84
C LEU A 112 6.03 4.99 -15.23
N LEU A 113 5.16 4.78 -14.25
CA LEU A 113 4.54 5.92 -13.60
C LEU A 113 5.59 6.75 -12.84
N LEU A 114 6.55 6.07 -12.23
CA LEU A 114 7.59 6.78 -11.50
C LEU A 114 8.30 7.74 -12.41
N THR A 115 8.53 7.26 -13.62
CA THR A 115 9.20 8.09 -14.62
C THR A 115 8.38 9.31 -14.94
N THR A 116 7.09 9.14 -15.16
CA THR A 116 6.32 10.30 -15.47
C THR A 116 6.32 11.39 -14.41
N ILE A 117 6.54 11.07 -13.13
CA ILE A 117 6.51 12.15 -12.16
C ILE A 117 7.87 12.67 -11.75
N GLY A 118 8.94 12.04 -12.24
CA GLY A 118 10.25 12.51 -11.86
C GLY A 118 11.00 11.60 -10.91
N GLY A 119 10.54 10.37 -10.75
CA GLY A 119 11.24 9.39 -9.92
C GLY A 119 10.98 9.45 -8.42
N PRO A 120 11.67 8.55 -7.70
CA PRO A 120 11.54 8.41 -6.25
C PRO A 120 11.70 9.70 -5.49
N LYS A 121 12.67 10.49 -5.92
CA LYS A 121 12.89 11.74 -5.25
C LYS A 121 11.69 12.65 -5.27
N GLU A 122 10.98 12.60 -6.40
CA GLU A 122 9.78 13.38 -6.58
C GLU A 122 8.63 12.82 -5.74
N LEU A 123 8.44 11.50 -5.76
CA LEU A 123 7.40 10.93 -4.93
C LEU A 123 7.66 11.37 -3.49
N THR A 124 8.92 11.19 -3.07
CA THR A 124 9.37 11.57 -1.74
C THR A 124 9.04 13.02 -1.40
N ALA A 125 9.33 13.93 -2.33
CA ALA A 125 9.05 15.33 -2.12
C ALA A 125 7.55 15.63 -2.01
N PHE A 126 6.75 14.81 -2.67
CA PHE A 126 5.32 14.97 -2.65
C PHE A 126 4.84 14.69 -1.25
N LEU A 127 5.29 13.56 -0.73
CA LEU A 127 4.94 13.14 0.63
C LEU A 127 5.35 14.19 1.64
N HIS A 128 6.60 14.61 1.57
CA HIS A 128 7.09 15.63 2.46
C HIS A 128 6.21 16.88 2.46
N ASN A 129 5.72 17.25 1.29
CA ASN A 129 4.87 18.42 1.14
C ASN A 129 3.52 18.31 1.81
N MET A 130 3.06 17.08 1.95
CA MET A 130 1.79 16.83 2.58
C MET A 130 1.89 16.52 4.07
N GLY A 131 3.07 16.73 4.63
CA GLY A 131 3.30 16.57 6.05
C GLY A 131 3.92 15.26 6.49
N ASP A 132 4.28 14.40 5.52
CA ASP A 132 4.89 13.13 5.86
C ASP A 132 6.40 13.18 5.71
N HIS A 133 7.08 13.48 6.82
CA HIS A 133 8.51 13.61 6.82
C HIS A 133 9.27 12.34 7.13
N VAL A 134 8.58 11.19 7.06
CA VAL A 134 9.15 9.89 7.39
C VAL A 134 9.25 8.95 6.19
N THR A 135 8.11 8.79 5.54
CA THR A 135 8.06 7.90 4.41
C THR A 135 9.02 8.40 3.35
N ARG A 136 9.72 7.46 2.72
CA ARG A 136 10.67 7.79 1.68
C ARG A 136 10.81 6.69 0.65
N LEU A 137 10.81 7.09 -0.62
CA LEU A 137 11.05 6.21 -1.74
C LEU A 137 12.42 6.53 -2.29
N ASP A 138 13.32 5.55 -2.30
CA ASP A 138 14.69 5.76 -2.77
C ASP A 138 15.08 5.07 -4.06
N ARG A 139 14.55 3.85 -4.31
CA ARG A 139 14.86 3.05 -5.47
C ARG A 139 13.66 2.79 -6.37
N TRP A 140 13.88 2.01 -7.46
CA TRP A 140 12.87 1.63 -8.44
C TRP A 140 12.60 0.16 -8.30
N GLU A 141 11.66 -0.36 -9.08
CA GLU A 141 11.37 -1.78 -9.02
C GLU A 141 12.35 -2.56 -9.86
N PRO A 142 12.82 -3.69 -9.34
CA PRO A 142 12.34 -4.22 -8.09
C PRO A 142 13.33 -4.13 -6.93
N GLU A 143 14.37 -3.32 -7.03
CA GLU A 143 15.33 -3.25 -5.95
C GLU A 143 14.77 -2.75 -4.61
N LEU A 144 13.71 -1.95 -4.68
CA LEU A 144 13.12 -1.37 -3.49
C LEU A 144 12.57 -2.38 -2.47
N ASN A 145 12.41 -3.63 -2.91
CA ASN A 145 11.92 -4.69 -2.05
C ASN A 145 13.03 -5.46 -1.33
N GLU A 146 14.25 -4.93 -1.40
CA GLU A 146 15.43 -5.56 -0.84
C GLU A 146 15.33 -5.85 0.65
N ALA A 147 14.79 -4.91 1.41
CA ALA A 147 14.60 -5.13 2.84
C ALA A 147 15.85 -5.50 3.65
N ILE A 148 16.99 -4.88 3.34
CA ILE A 148 18.12 -5.19 4.16
C ILE A 148 17.90 -4.59 5.55
N PRO A 149 18.17 -5.39 6.57
CA PRO A 149 17.99 -4.97 7.95
C PRO A 149 18.64 -3.65 8.30
N ASN A 150 17.88 -2.79 8.93
CA ASN A 150 18.37 -1.49 9.36
C ASN A 150 18.47 -0.47 8.25
N ASP A 151 18.13 -0.87 7.06
CA ASP A 151 18.19 0.09 5.97
C ASP A 151 16.97 1.03 6.02
N GLU A 152 17.19 2.34 5.84
CA GLU A 152 16.10 3.33 5.85
C GLU A 152 15.48 3.55 4.49
N ARG A 153 16.18 3.12 3.44
CA ARG A 153 15.68 3.34 2.10
C ARG A 153 14.36 2.63 1.90
N ASP A 154 13.44 3.28 1.18
CA ASP A 154 12.18 2.68 0.84
C ASP A 154 11.39 2.21 2.07
N THR A 155 11.42 2.99 3.15
CA THR A 155 10.67 2.59 4.32
C THR A 155 9.65 3.65 4.73
N THR A 156 8.77 3.22 5.64
CA THR A 156 7.78 4.04 6.29
C THR A 156 7.65 3.52 7.70
N MET A 157 6.80 4.20 8.47
CA MET A 157 6.45 3.82 9.83
C MET A 157 4.96 3.55 9.80
N PRO A 158 4.45 2.59 10.60
CA PRO A 158 3.02 2.34 10.55
C PRO A 158 2.16 3.58 10.81
N ALA A 159 2.57 4.44 11.76
CA ALA A 159 1.80 5.67 12.02
C ALA A 159 1.87 6.66 10.86
N ALA A 160 3.05 6.75 10.23
CA ALA A 160 3.24 7.65 9.09
C ALA A 160 2.37 7.24 7.92
N MET A 161 2.44 5.97 7.54
CA MET A 161 1.67 5.47 6.45
C MET A 161 0.16 5.58 6.70
N ALA A 162 -0.27 5.32 7.93
CA ALA A 162 -1.69 5.42 8.26
C ALA A 162 -2.23 6.84 8.13
N THR A 163 -1.49 7.81 8.65
CA THR A 163 -1.95 9.17 8.59
C THR A 163 -1.89 9.75 7.19
N THR A 164 -0.90 9.31 6.43
CA THR A 164 -0.74 9.78 5.08
C THR A 164 -1.89 9.25 4.24
N LEU A 165 -2.21 7.98 4.41
CA LEU A 165 -3.30 7.40 3.65
C LEU A 165 -4.62 8.08 3.96
N ARG A 166 -4.79 8.45 5.22
CA ARG A 166 -5.97 9.16 5.68
C ARG A 166 -6.08 10.52 4.98
N LYS A 167 -4.98 11.25 4.94
CA LYS A 167 -5.00 12.54 4.27
C LYS A 167 -5.37 12.41 2.80
N LEU A 168 -4.84 11.35 2.17
CA LEU A 168 -5.08 11.09 0.77
C LEU A 168 -6.53 10.79 0.49
N LEU A 169 -7.09 9.96 1.33
CA LEU A 169 -8.45 9.55 1.14
C LEU A 169 -9.50 10.52 1.64
N THR A 170 -9.17 11.41 2.54
CA THR A 170 -10.19 12.30 3.04
C THR A 170 -9.76 13.76 3.13
N GLY A 171 -8.53 14.05 2.76
CA GLY A 171 -8.04 15.43 2.81
C GLY A 171 -8.46 16.30 1.62
N GLU A 172 -8.04 17.57 1.65
CA GLU A 172 -8.37 18.49 0.57
C GLU A 172 -7.34 18.38 -0.56
N LEU A 173 -6.37 17.49 -0.34
CA LEU A 173 -5.24 17.21 -1.22
C LEU A 173 -5.65 16.84 -2.64
N LEU A 174 -6.61 15.94 -2.74
CA LEU A 174 -7.10 15.55 -4.04
C LEU A 174 -8.52 16.02 -4.18
N THR A 175 -8.93 16.25 -5.42
CA THR A 175 -10.29 16.66 -5.65
C THR A 175 -11.12 15.46 -5.31
N LEU A 176 -12.35 15.69 -4.95
CA LEU A 176 -13.21 14.59 -4.62
C LEU A 176 -13.20 13.51 -5.69
N ALA A 177 -13.24 13.92 -6.95
CA ALA A 177 -13.25 12.95 -8.02
C ALA A 177 -11.99 12.08 -8.04
N SER A 178 -10.87 12.67 -7.74
CA SER A 178 -9.66 11.87 -7.72
C SER A 178 -9.63 10.92 -6.55
N ARG A 179 -10.09 11.42 -5.41
CA ARG A 179 -10.14 10.60 -4.21
C ARG A 179 -10.85 9.29 -4.51
N GLN A 180 -12.04 9.46 -5.10
CA GLN A 180 -12.86 8.32 -5.45
C GLN A 180 -12.15 7.39 -6.40
N GLN A 181 -11.46 7.97 -7.38
CA GLN A 181 -10.74 7.15 -8.32
C GLN A 181 -9.74 6.29 -7.57
N LEU A 182 -9.04 6.90 -6.62
CA LEU A 182 -8.06 6.21 -5.81
C LEU A 182 -8.69 5.03 -5.09
N ILE A 183 -9.78 5.33 -4.39
CA ILE A 183 -10.52 4.32 -3.65
C ILE A 183 -10.99 3.22 -4.55
N ASP A 184 -11.48 3.60 -5.73
CA ASP A 184 -11.95 2.61 -6.65
C ASP A 184 -10.87 1.59 -7.04
N TRP A 185 -9.64 2.05 -7.19
CA TRP A 185 -8.54 1.18 -7.54
C TRP A 185 -8.24 0.18 -6.40
N MET A 186 -8.13 0.70 -5.18
CA MET A 186 -7.83 -0.11 -3.99
C MET A 186 -8.91 -1.16 -3.70
N GLU A 187 -10.13 -0.74 -3.96
CA GLU A 187 -11.28 -1.57 -3.79
C GLU A 187 -11.24 -2.76 -4.74
N ALA A 188 -10.80 -2.53 -5.97
CA ALA A 188 -10.72 -3.60 -6.96
C ALA A 188 -9.48 -4.46 -6.81
N ASP A 189 -8.75 -4.30 -5.72
CA ASP A 189 -7.55 -5.08 -5.50
C ASP A 189 -7.73 -6.58 -5.86
N LYS A 190 -6.78 -7.20 -6.58
CA LYS A 190 -6.92 -8.60 -7.00
C LYS A 190 -5.90 -9.59 -6.45
N VAL A 191 -4.92 -9.14 -5.67
CA VAL A 191 -3.92 -10.07 -5.18
C VAL A 191 -3.88 -10.22 -3.67
N ALA A 192 -4.76 -9.52 -2.97
CA ALA A 192 -4.80 -9.54 -1.50
C ALA A 192 -5.82 -10.48 -0.85
N GLY A 193 -6.36 -11.38 -1.66
CA GLY A 193 -7.36 -12.35 -1.24
C GLY A 193 -7.09 -13.04 0.09
N PRO A 194 -5.90 -13.59 0.29
CA PRO A 194 -5.60 -14.31 1.52
C PRO A 194 -5.20 -13.43 2.70
N LEU A 195 -5.33 -12.13 2.61
CA LEU A 195 -4.97 -11.33 3.75
C LEU A 195 -6.22 -10.86 4.51
N LEU A 196 -6.35 -9.55 4.70
CA LEU A 196 -7.51 -9.05 5.40
C LEU A 196 -8.81 -9.56 4.78
N ARG A 197 -8.86 -9.59 3.45
CA ARG A 197 -10.08 -10.01 2.76
C ARG A 197 -10.66 -11.33 3.25
N SER A 198 -9.79 -12.23 3.68
CA SER A 198 -10.27 -13.52 4.09
C SER A 198 -11.02 -13.54 5.42
N ALA A 199 -10.88 -12.49 6.21
CA ALA A 199 -11.57 -12.43 7.49
C ALA A 199 -12.73 -11.46 7.43
N LEU A 200 -12.87 -10.75 6.30
CA LEU A 200 -13.91 -9.74 6.15
C LEU A 200 -15.33 -10.30 6.10
N PRO A 201 -16.23 -9.78 6.92
CA PRO A 201 -17.57 -10.30 6.86
C PRO A 201 -18.33 -9.68 5.71
N ALA A 202 -19.36 -10.39 5.31
CA ALA A 202 -20.22 -9.94 4.24
C ALA A 202 -20.80 -8.56 4.47
N GLY A 203 -20.85 -7.78 3.39
CA GLY A 203 -21.42 -6.44 3.40
C GLY A 203 -20.44 -5.39 3.89
N TRP A 204 -19.24 -5.82 4.19
CA TRP A 204 -18.28 -4.86 4.64
C TRP A 204 -17.56 -4.23 3.47
N PHE A 205 -17.04 -3.02 3.66
CA PHE A 205 -16.26 -2.28 2.70
C PHE A 205 -14.75 -2.54 2.89
N ILE A 206 -14.00 -2.78 1.79
CA ILE A 206 -12.55 -2.95 1.83
C ILE A 206 -11.84 -2.35 0.61
N ALA A 207 -10.91 -1.44 0.89
CA ALA A 207 -10.05 -0.81 -0.09
C ALA A 207 -8.65 -1.05 0.44
N ASP A 208 -7.90 -1.88 -0.24
CA ASP A 208 -6.57 -2.20 0.27
C ASP A 208 -5.46 -2.27 -0.80
N LYS A 209 -4.24 -2.49 -0.29
CA LYS A 209 -3.01 -2.65 -1.07
C LYS A 209 -1.97 -3.42 -0.25
N SER A 210 -1.58 -4.58 -0.76
CA SER A 210 -0.58 -5.44 -0.15
C SER A 210 0.81 -5.25 -0.74
N GLY A 211 1.74 -6.06 -0.24
CA GLY A 211 3.10 -6.01 -0.73
C GLY A 211 3.87 -7.13 -0.09
N ALA A 212 4.93 -7.57 -0.77
CA ALA A 212 5.81 -8.64 -0.32
C ALA A 212 7.21 -8.26 -0.75
N GLY A 213 8.22 -8.82 -0.09
CA GLY A 213 9.59 -8.52 -0.44
C GLY A 213 10.54 -9.56 0.13
N GLU A 214 11.82 -9.27 0.08
CA GLU A 214 12.77 -10.21 0.60
C GLU A 214 12.72 -10.26 2.12
N ARG A 215 13.52 -11.14 2.67
CA ARG A 215 13.61 -11.22 4.12
C ARG A 215 12.27 -11.38 4.84
N GLY A 216 11.36 -12.13 4.24
CA GLY A 216 10.04 -12.39 4.81
C GLY A 216 9.15 -11.17 4.91
N SER A 217 9.46 -10.11 4.15
CA SER A 217 8.62 -8.92 4.20
C SER A 217 7.25 -9.15 3.58
N ARG A 218 6.27 -8.55 4.23
CA ARG A 218 4.88 -8.67 3.86
C ARG A 218 4.15 -7.53 4.52
N GLY A 219 3.14 -7.00 3.84
CA GLY A 219 2.44 -5.92 4.46
C GLY A 219 1.14 -5.63 3.76
N ILE A 220 0.35 -4.82 4.44
CA ILE A 220 -0.92 -4.39 3.93
C ILE A 220 -1.36 -3.09 4.58
N ILE A 221 -1.98 -2.26 3.74
CA ILE A 221 -2.61 -1.01 4.11
C ILE A 221 -4.07 -1.14 3.68
N ALA A 222 -5.02 -0.59 4.47
CA ALA A 222 -6.41 -0.74 4.11
C ALA A 222 -7.34 0.18 4.82
N ALA A 223 -8.42 0.48 4.13
CA ALA A 223 -9.49 1.29 4.69
C ALA A 223 -10.68 0.36 4.70
N LEU A 224 -11.26 0.14 5.90
CA LEU A 224 -12.36 -0.79 5.96
C LEU A 224 -13.43 -0.33 6.94
N GLY A 225 -14.56 -0.99 6.87
CA GLY A 225 -15.67 -0.64 7.75
C GLY A 225 -16.92 -1.43 7.41
N PRO A 226 -17.85 -1.50 8.37
CA PRO A 226 -19.08 -2.22 8.16
C PRO A 226 -20.03 -1.40 7.30
N ASP A 227 -21.04 -2.07 6.78
CA ASP A 227 -22.09 -1.44 6.02
C ASP A 227 -21.68 -0.72 4.76
N GLY A 228 -20.76 -1.30 4.00
CA GLY A 228 -20.33 -0.72 2.75
C GLY A 228 -19.66 0.63 2.87
N LYS A 229 -19.05 0.93 4.00
CA LYS A 229 -18.35 2.19 4.11
C LYS A 229 -17.14 2.07 5.00
N PRO A 230 -16.06 2.79 4.70
CA PRO A 230 -14.87 2.67 5.52
C PRO A 230 -14.95 3.58 6.71
N SER A 231 -14.37 3.12 7.82
CA SER A 231 -14.35 4.01 8.96
C SER A 231 -13.03 3.90 9.70
N ARG A 232 -12.21 2.94 9.27
CA ARG A 232 -10.90 2.79 9.89
C ARG A 232 -9.81 2.48 8.90
N ILE A 233 -8.62 2.94 9.28
CA ILE A 233 -7.41 2.65 8.54
C ILE A 233 -6.61 1.66 9.40
N VAL A 234 -6.16 0.58 8.76
CA VAL A 234 -5.37 -0.51 9.32
C VAL A 234 -4.11 -0.69 8.48
N VAL A 235 -2.98 -0.72 9.13
CA VAL A 235 -1.70 -0.88 8.49
C VAL A 235 -0.97 -1.99 9.21
N ILE A 236 -0.46 -2.94 8.45
CA ILE A 236 0.26 -4.04 9.04
C ILE A 236 1.50 -4.33 8.22
N TYR A 237 2.67 -4.29 8.85
CA TYR A 237 3.95 -4.61 8.22
C TYR A 237 4.74 -5.62 9.02
N THR A 238 5.46 -6.46 8.32
CA THR A 238 6.35 -7.41 8.95
C THR A 238 7.61 -7.58 8.11
N THR A 239 8.66 -8.02 8.75
CA THR A 239 9.92 -8.22 8.05
C THR A 239 10.87 -9.01 8.93
N GLY A 240 11.75 -9.80 8.29
CA GLY A 240 12.73 -10.60 8.99
C GLY A 240 12.32 -12.06 9.15
N SER A 241 11.05 -12.38 8.99
CA SER A 241 10.71 -13.77 9.16
C SER A 241 11.32 -14.69 8.12
N GLN A 242 11.59 -15.94 8.54
CA GLN A 242 12.11 -16.95 7.63
C GLN A 242 10.96 -17.88 7.22
N ALA A 243 9.74 -17.46 7.59
CA ALA A 243 8.52 -18.20 7.31
C ALA A 243 8.11 -18.11 5.84
N THR A 244 7.35 -19.10 5.40
CA THR A 244 6.86 -19.11 4.04
C THR A 244 5.79 -18.05 3.84
N MET A 245 5.53 -17.79 2.58
CA MET A 245 4.53 -16.86 2.19
C MET A 245 3.19 -17.23 2.82
N ASP A 246 2.83 -18.52 2.77
CA ASP A 246 1.57 -18.95 3.34
C ASP A 246 1.44 -18.71 4.83
N GLU A 247 2.52 -18.93 5.58
CA GLU A 247 2.44 -18.72 7.01
C GLU A 247 2.32 -17.24 7.31
N ARG A 248 2.95 -16.42 6.48
CA ARG A 248 2.88 -14.98 6.65
C ARG A 248 1.47 -14.48 6.34
N ASN A 249 0.81 -15.11 5.35
CA ASN A 249 -0.54 -14.72 4.99
C ASN A 249 -1.52 -15.03 6.12
N ARG A 250 -1.37 -16.22 6.69
CA ARG A 250 -2.19 -16.69 7.79
C ARG A 250 -2.15 -15.76 8.97
N GLN A 251 -0.96 -15.39 9.42
CA GLN A 251 -0.82 -14.51 10.57
C GLN A 251 -1.50 -13.17 10.34
N ILE A 252 -1.37 -12.69 9.11
CA ILE A 252 -2.00 -11.43 8.81
C ILE A 252 -3.50 -11.56 8.83
N ALA A 253 -4.00 -12.65 8.25
CA ALA A 253 -5.41 -12.84 8.25
C ALA A 253 -5.94 -13.04 9.68
N GLU A 254 -5.18 -13.69 10.54
CA GLU A 254 -5.56 -13.95 11.93
C GLU A 254 -5.62 -12.65 12.72
N ILE A 255 -4.71 -11.73 12.39
CA ILE A 255 -4.75 -10.42 13.02
C ILE A 255 -6.02 -9.71 12.58
N GLY A 256 -6.33 -9.82 11.30
CA GLY A 256 -7.53 -9.23 10.77
C GLY A 256 -8.76 -9.81 11.48
N ALA A 257 -8.84 -11.15 11.59
CA ALA A 257 -9.94 -11.82 12.26
C ALA A 257 -10.20 -11.28 13.67
N SER A 258 -9.11 -11.00 14.39
CA SER A 258 -9.17 -10.45 15.73
C SER A 258 -9.68 -9.04 15.74
N LEU A 259 -9.20 -8.23 14.80
CA LEU A 259 -9.66 -6.87 14.78
C LEU A 259 -11.12 -6.73 14.40
N ILE A 260 -11.55 -7.61 13.52
CA ILE A 260 -12.94 -7.56 13.13
C ILE A 260 -13.78 -8.02 14.31
N LYS A 261 -13.37 -9.16 14.86
CA LYS A 261 -14.07 -9.73 15.98
C LYS A 261 -14.27 -8.75 17.11
N HIS A 262 -13.30 -7.85 17.35
CA HIS A 262 -13.40 -6.87 18.42
C HIS A 262 -13.74 -5.48 17.95
N TRP A 263 -14.37 -5.39 16.80
CA TRP A 263 -14.73 -4.11 16.22
C TRP A 263 -15.62 -3.35 17.19
#